data_3A4M
#
_entry.id   3A4M
#
_cell.length_a   58.156
_cell.length_b   74.524
_cell.length_c   64.817
_cell.angle_alpha   90.00
_cell.angle_beta   113.37
_cell.angle_gamma   90.00
#
_symmetry.space_group_name_H-M   'P 1 21 1'
#
loop_
_entity.id
_entity.type
_entity.pdbx_description
1 polymer 'L-seryl-tRNA(Sec) kinase'
2 non-polymer "ADENOSINE-5'-DIPHOSPHATE"
3 non-polymer 'MAGNESIUM ION'
4 non-polymer 'IODIDE ION'
5 non-polymer 1,2-ETHANEDIOL
6 water water
#
_entity_poly.entity_id   1
_entity_poly.type   'polypeptide(L)'
_entity_poly.pdbx_seq_one_letter_code
;MGDIMLIILTGLPGVGKSTFSKNLAKILSKNNIDVIVLGSDLIRESFPVWKEKYEEFIKKSTYRLIDSALKNYWVIVDDT
NYYNSMRRDLINIAKKYNKNYAIIYLKASLDVLIRRNIERGEKIPNEVIKKMYEKFDEPGKKYKWDEPFLIIDTTKDIDF
NEIAKKLIEKSKEIPKFYVLEENKNKNNNISDKIDKETRKIVSEYIKSKKLDKDKIKEVVELRKEFLKKIKKMEEVDADR
VLKEFKDLLNSYLEHHHHHH
;
_entity_poly.pdbx_strand_id   A,B
#
loop_
_chem_comp.id
_chem_comp.type
_chem_comp.name
_chem_comp.formula
ADP non-polymer ADENOSINE-5'-DIPHOSPHATE 'C10 H15 N5 O10 P2'
EDO non-polymer 1,2-ETHANEDIOL 'C2 H6 O2'
IOD non-polymer 'IODIDE ION' 'I -1'
MG non-polymer 'MAGNESIUM ION' 'Mg 2'
#
# COMPACT_ATOMS: atom_id res chain seq x y z
N ASP A 3 12.44 -1.32 22.54
CA ASP A 3 12.03 0.04 22.17
C ASP A 3 11.03 0.02 21.03
N ILE A 4 11.34 -0.78 20.01
CA ILE A 4 10.45 -0.97 18.89
C ILE A 4 9.73 -2.29 19.20
N MET A 5 8.44 -2.39 18.87
CA MET A 5 7.70 -3.67 19.03
C MET A 5 6.93 -3.98 17.76
N LEU A 6 6.72 -5.30 17.52
CA LEU A 6 5.87 -5.83 16.49
C LEU A 6 4.48 -6.14 17.07
N ILE A 7 3.43 -5.54 16.53
CA ILE A 7 2.08 -5.84 17.04
C ILE A 7 1.37 -6.66 15.94
N ILE A 8 0.89 -7.85 16.32
CA ILE A 8 0.29 -8.85 15.38
C ILE A 8 -1.15 -8.93 15.68
N LEU A 9 -1.97 -8.35 14.82
CA LEU A 9 -3.41 -8.59 14.92
C LEU A 9 -3.80 -9.94 14.37
N THR A 10 -4.90 -10.45 14.91
CA THR A 10 -5.47 -11.66 14.36
C THR A 10 -6.96 -11.62 14.62
N GLY A 11 -7.74 -11.97 13.60
CA GLY A 11 -9.18 -12.01 13.81
C GLY A 11 -9.90 -12.06 12.47
N LEU A 12 -11.14 -12.55 12.50
CA LEU A 12 -11.83 -12.87 11.24
C LEU A 12 -12.23 -11.59 10.47
N PRO A 13 -12.61 -11.76 9.17
CA PRO A 13 -13.01 -10.61 8.35
C PRO A 13 -14.25 -9.92 8.95
N GLY A 14 -14.17 -8.60 8.99
CA GLY A 14 -15.25 -7.77 9.51
C GLY A 14 -15.12 -7.51 10.99
N VAL A 15 -14.16 -8.18 11.63
CA VAL A 15 -14.02 -8.03 13.08
C VAL A 15 -13.60 -6.62 13.53
N GLY A 16 -12.85 -5.90 12.69
CA GLY A 16 -12.49 -4.51 12.87
C GLY A 16 -10.96 -4.36 13.04
N LYS A 17 -10.18 -5.27 12.46
CA LYS A 17 -8.72 -5.07 12.45
C LYS A 17 -8.26 -3.76 11.84
N SER A 18 -8.75 -3.42 10.62
CA SER A 18 -8.27 -2.17 10.01
C SER A 18 -8.63 -0.94 10.85
N THR A 19 -9.85 -0.91 11.37
CA THR A 19 -10.34 0.25 12.13
C THR A 19 -9.51 0.32 13.42
N PHE A 20 -9.32 -0.84 14.02
CA PHE A 20 -8.54 -0.89 15.28
C PHE A 20 -7.08 -0.45 15.01
N SER A 21 -6.53 -0.88 13.87
CA SER A 21 -5.12 -0.52 13.60
C SER A 21 -4.96 1.03 13.52
N LYS A 22 -5.89 1.64 12.77
CA LYS A 22 -5.89 3.06 12.52
C LYS A 22 -6.02 3.83 13.83
N ASN A 23 -6.92 3.41 14.68
CA ASN A 23 -7.11 4.01 15.99
C ASN A 23 -5.93 3.85 16.89
N LEU A 24 -5.40 2.64 16.97
CA LEU A 24 -4.21 2.34 17.79
C LEU A 24 -3.02 3.15 17.27
N ALA A 25 -2.81 3.15 15.95
CA ALA A 25 -1.69 3.97 15.41
C ALA A 25 -1.84 5.46 15.75
N LYS A 26 -3.05 5.99 15.71
CA LYS A 26 -3.20 7.40 15.98
C LYS A 26 -2.80 7.67 17.45
N ILE A 27 -3.24 6.84 18.41
CA ILE A 27 -2.84 7.04 19.83
C ILE A 27 -1.35 6.85 20.07
N LEU A 28 -0.79 5.83 19.44
CA LEU A 28 0.64 5.64 19.58
C LEU A 28 1.41 6.87 19.06
N SER A 29 0.98 7.42 17.90
CA SER A 29 1.77 8.48 17.30
C SER A 29 1.59 9.73 18.20
N LYS A 30 0.46 9.81 18.86
CA LYS A 30 0.16 10.95 19.78
C LYS A 30 1.13 10.90 20.97
N ASN A 31 1.61 9.68 21.29
CA ASN A 31 2.65 9.52 22.31
C ASN A 31 4.06 9.50 21.71
N ASN A 32 4.22 10.05 20.53
CA ASN A 32 5.51 10.18 19.87
C ASN A 32 6.12 8.81 19.56
N ILE A 33 5.27 7.80 19.30
CA ILE A 33 5.88 6.54 18.86
C ILE A 33 5.79 6.55 17.30
N ASP A 34 6.87 6.13 16.64
CA ASP A 34 6.84 6.01 15.17
C ASP A 34 6.32 4.63 14.87
N VAL A 35 5.13 4.58 14.26
CA VAL A 35 4.49 3.29 13.98
C VAL A 35 3.94 3.28 12.54
N ILE A 36 4.04 2.12 11.89
CA ILE A 36 3.46 1.93 10.58
C ILE A 36 2.44 0.75 10.56
N VAL A 37 1.36 0.87 9.79
CA VAL A 37 0.38 -0.24 9.77
C VAL A 37 0.60 -0.95 8.46
N LEU A 38 0.88 -2.26 8.50
CA LEU A 38 1.18 -2.97 7.26
C LEU A 38 0.33 -4.23 7.18
N GLY A 39 -0.20 -4.50 5.98
CA GLY A 39 -1.04 -5.69 5.84
C GLY A 39 -0.99 -6.15 4.39
N SER A 40 -1.32 -7.43 4.14
CA SER A 40 -1.28 -8.02 2.78
C SER A 40 -2.23 -7.31 1.84
N ASP A 41 -3.29 -6.70 2.36
CA ASP A 41 -4.26 -6.09 1.42
C ASP A 41 -3.63 -4.85 0.72
N LEU A 42 -2.58 -4.30 1.33
CA LEU A 42 -1.81 -3.25 0.66
C LEU A 42 -1.37 -3.64 -0.73
N ILE A 43 -0.78 -4.83 -0.83
CA ILE A 43 -0.23 -5.30 -2.12
C ILE A 43 -1.29 -5.97 -2.99
N ARG A 44 -2.10 -6.75 -2.34
CA ARG A 44 -3.21 -7.50 -3.03
C ARG A 44 -4.13 -6.56 -3.81
N GLU A 45 -4.49 -5.43 -3.20
CA GLU A 45 -5.41 -4.50 -3.82
C GLU A 45 -4.72 -3.57 -4.83
N SER A 46 -3.43 -3.76 -5.03
CA SER A 46 -2.65 -2.96 -5.99
C SER A 46 -2.70 -3.67 -7.33
N PHE A 47 -3.20 -4.91 -7.35
CA PHE A 47 -3.45 -5.55 -8.67
C PHE A 47 -4.93 -5.25 -9.05
N PRO A 48 -5.22 -5.17 -10.35
CA PRO A 48 -6.57 -4.80 -10.76
C PRO A 48 -7.51 -6.02 -10.60
N VAL A 49 -6.93 -7.21 -10.54
CA VAL A 49 -7.72 -8.47 -10.40
C VAL A 49 -7.01 -9.41 -9.43
N TRP A 50 -7.70 -10.46 -8.96
CA TRP A 50 -7.04 -11.40 -8.10
C TRP A 50 -6.70 -12.68 -8.89
N LYS A 51 -5.52 -13.22 -8.71
CA LYS A 51 -5.17 -14.53 -9.25
C LYS A 51 -4.39 -15.20 -8.21
N GLU A 52 -4.58 -16.51 -8.10
CA GLU A 52 -3.91 -17.31 -7.10
C GLU A 52 -2.41 -17.18 -7.17
N LYS A 53 -1.85 -17.08 -8.38
CA LYS A 53 -0.43 -16.91 -8.54
C LYS A 53 0.14 -15.59 -8.01
N TYR A 54 -0.71 -14.61 -7.66
CA TYR A 54 -0.19 -13.36 -7.07
C TYR A 54 0.13 -13.52 -5.56
N GLU A 55 -0.44 -14.54 -4.91
CA GLU A 55 -0.46 -14.63 -3.42
C GLU A 55 0.94 -14.83 -2.87
N GLU A 56 1.80 -15.47 -3.67
CA GLU A 56 3.15 -15.65 -3.19
C GLU A 56 3.91 -14.33 -3.13
N PHE A 57 3.71 -13.54 -4.18
CA PHE A 57 4.37 -12.22 -4.20
C PHE A 57 3.79 -11.30 -3.14
N ILE A 58 2.47 -11.43 -2.91
CA ILE A 58 1.76 -10.59 -1.95
C ILE A 58 2.32 -10.89 -0.56
N LYS A 59 2.51 -12.17 -0.29
CA LYS A 59 2.94 -12.62 1.02
C LYS A 59 4.36 -12.16 1.32
N LYS A 60 5.25 -12.49 0.41
CA LYS A 60 6.63 -12.13 0.60
C LYS A 60 6.83 -10.65 0.58
N SER A 61 6.07 -9.92 -0.23
CA SER A 61 6.29 -8.48 -0.28
C SER A 61 5.86 -7.90 1.11
N THR A 62 4.83 -8.49 1.68
CA THR A 62 4.31 -8.01 2.94
C THR A 62 5.37 -8.26 4.05
N TYR A 63 5.93 -9.46 4.08
CA TYR A 63 6.95 -9.80 5.07
C TYR A 63 8.15 -8.93 4.87
N ARG A 64 8.49 -8.66 3.64
CA ARG A 64 9.64 -7.78 3.40
C ARG A 64 9.46 -6.36 3.96
N LEU A 65 8.29 -5.78 3.78
CA LEU A 65 8.07 -4.44 4.20
C LEU A 65 8.07 -4.46 5.72
N ILE A 66 7.53 -5.53 6.30
CA ILE A 66 7.47 -5.58 7.78
C ILE A 66 8.89 -5.65 8.32
N ASP A 67 9.69 -6.56 7.76
CA ASP A 67 11.10 -6.75 8.18
C ASP A 67 11.89 -5.42 8.10
N SER A 68 11.77 -4.71 6.99
CA SER A 68 12.43 -3.43 6.75
C SER A 68 11.94 -2.40 7.76
N ALA A 69 10.65 -2.40 7.96
CA ALA A 69 10.04 -1.37 8.77
C ALA A 69 10.47 -1.55 10.26
N LEU A 70 10.47 -2.80 10.70
CA LEU A 70 10.67 -3.11 12.12
C LEU A 70 12.10 -2.76 12.58
N LYS A 71 13.03 -2.56 11.65
CA LYS A 71 14.32 -1.99 12.03
C LYS A 71 14.26 -0.55 12.64
N ASN A 72 13.24 0.24 12.28
CA ASN A 72 13.19 1.66 12.63
C ASN A 72 11.88 2.02 13.33
N TYR A 73 10.82 1.22 13.16
CA TYR A 73 9.48 1.66 13.57
C TYR A 73 8.70 0.58 14.27
N TRP A 74 7.76 0.93 15.16
CA TRP A 74 6.80 -0.13 15.52
C TRP A 74 6.01 -0.56 14.28
N VAL A 75 5.56 -1.80 14.29
CA VAL A 75 4.73 -2.24 13.12
C VAL A 75 3.50 -2.83 13.66
N ILE A 76 2.34 -2.41 13.14
CA ILE A 76 1.11 -3.11 13.44
C ILE A 76 0.73 -3.93 12.19
N VAL A 77 0.61 -5.24 12.36
CA VAL A 77 0.31 -6.11 11.19
C VAL A 77 -1.20 -6.33 11.12
N ASP A 78 -1.80 -5.64 10.14
CA ASP A 78 -3.25 -5.62 9.93
C ASP A 78 -3.62 -6.74 8.94
N ASP A 79 -3.82 -7.97 9.41
CA ASP A 79 -4.11 -9.12 8.53
C ASP A 79 -4.85 -10.15 9.37
N THR A 80 -5.68 -10.95 8.70
CA THR A 80 -6.49 -11.98 9.38
C THR A 80 -5.59 -12.85 10.24
N ASN A 81 -4.43 -13.25 9.67
CA ASN A 81 -3.54 -14.16 10.37
C ASN A 81 -4.32 -15.37 10.93
N TYR A 82 -5.03 -16.01 10.02
CA TYR A 82 -5.98 -17.07 10.35
C TYR A 82 -5.24 -18.31 10.84
N TYR A 83 -4.08 -18.57 10.27
CA TYR A 83 -3.28 -19.81 10.68
C TYR A 83 -2.16 -19.50 11.67
N ASN A 84 -1.95 -20.40 12.64
CA ASN A 84 -0.78 -20.21 13.51
C ASN A 84 0.58 -20.10 12.77
N SER A 85 0.70 -20.71 11.59
CA SER A 85 1.96 -20.64 10.83
C SER A 85 2.23 -19.20 10.33
N MET A 86 1.15 -18.42 10.19
CA MET A 86 1.31 -17.04 9.82
C MET A 86 1.82 -16.24 10.99
N ARG A 87 1.20 -16.47 12.14
CA ARG A 87 1.66 -15.82 13.32
C ARG A 87 3.11 -16.22 13.63
N ARG A 88 3.48 -17.46 13.37
CA ARG A 88 4.87 -17.86 13.64
C ARG A 88 5.87 -17.12 12.74
N ASP A 89 5.53 -17.02 11.45
CA ASP A 89 6.36 -16.33 10.46
C ASP A 89 6.57 -14.88 10.88
N LEU A 90 5.51 -14.24 11.37
CA LEU A 90 5.73 -12.85 11.84
C LEU A 90 6.58 -12.72 13.12
N ILE A 91 6.35 -13.60 14.08
CA ILE A 91 7.10 -13.55 15.32
C ILE A 91 8.59 -13.77 15.01
N ASN A 92 8.87 -14.57 13.97
CA ASN A 92 10.25 -14.80 13.52
C ASN A 92 10.93 -13.56 13.01
N ILE A 93 10.14 -12.60 12.53
CA ILE A 93 10.74 -11.36 12.11
C ILE A 93 11.20 -10.59 13.36
N ALA A 94 10.35 -10.56 14.39
CA ALA A 94 10.71 -9.84 15.62
C ALA A 94 11.94 -10.52 16.22
N LYS A 95 11.86 -11.85 16.26
CA LYS A 95 12.95 -12.69 16.76
C LYS A 95 14.28 -12.40 16.13
N LYS A 96 14.27 -12.24 14.81
CA LYS A 96 15.46 -11.82 14.07
C LYS A 96 16.13 -10.52 14.56
N TYR A 97 15.34 -9.52 14.91
CA TYR A 97 15.92 -8.27 15.32
C TYR A 97 15.81 -8.06 16.84
N ASN A 98 15.55 -9.16 17.57
CA ASN A 98 15.41 -9.15 19.03
C ASN A 98 14.42 -8.09 19.44
N LYS A 99 13.26 -8.04 18.77
CA LYS A 99 12.22 -7.07 19.22
C LYS A 99 11.11 -7.80 20.00
N ASN A 100 10.47 -7.13 20.93
CA ASN A 100 9.28 -7.67 21.55
C ASN A 100 8.15 -7.80 20.53
N TYR A 101 7.14 -8.57 20.88
CA TYR A 101 5.94 -8.65 20.03
C TYR A 101 4.73 -8.85 20.91
N ALA A 102 3.57 -8.47 20.40
CA ALA A 102 2.34 -8.67 21.09
C ALA A 102 1.26 -9.06 20.07
N ILE A 103 0.64 -10.22 20.30
CA ILE A 103 -0.52 -10.68 19.51
C ILE A 103 -1.80 -10.04 20.11
N ILE A 104 -2.58 -9.36 19.29
CA ILE A 104 -3.83 -8.85 19.79
C ILE A 104 -4.91 -9.55 19.02
N TYR A 105 -5.70 -10.36 19.72
CA TYR A 105 -6.80 -11.08 19.10
C TYR A 105 -8.10 -10.34 19.23
N LEU A 106 -8.70 -9.99 18.09
CA LEU A 106 -9.98 -9.24 18.09
C LEU A 106 -11.10 -10.25 17.81
N LYS A 107 -12.17 -10.21 18.58
CA LYS A 107 -13.21 -11.16 18.35
C LYS A 107 -14.55 -10.47 18.37
N ALA A 108 -15.51 -11.11 17.72
CA ALA A 108 -16.92 -10.71 17.76
C ALA A 108 -17.76 -11.96 17.39
N SER A 109 -19.03 -11.95 17.76
CA SER A 109 -19.77 -13.16 17.54
C SER A 109 -19.99 -13.22 16.02
N LEU A 110 -20.30 -14.41 15.55
CA LEU A 110 -20.66 -14.64 14.14
C LEU A 110 -21.78 -13.72 13.65
N ASP A 111 -22.83 -13.59 14.44
CA ASP A 111 -23.93 -12.74 14.06
C ASP A 111 -23.46 -11.35 13.73
N VAL A 112 -22.53 -10.83 14.56
CA VAL A 112 -21.99 -9.49 14.34
C VAL A 112 -21.14 -9.43 13.08
N LEU A 113 -20.23 -10.40 12.92
CA LEU A 113 -19.44 -10.46 11.69
C LEU A 113 -20.32 -10.54 10.41
N ILE A 114 -21.34 -11.36 10.42
CA ILE A 114 -22.17 -11.41 9.24
C ILE A 114 -22.83 -10.07 8.91
N ARG A 115 -23.40 -9.45 9.93
CA ARG A 115 -24.06 -8.20 9.74
C ARG A 115 -23.15 -7.09 9.32
N ARG A 116 -21.92 -7.07 9.85
CA ARG A 116 -20.93 -6.11 9.41
C ARG A 116 -20.58 -6.40 7.91
N ASN A 117 -20.48 -7.68 7.59
CA ASN A 117 -20.19 -8.06 6.18
C ASN A 117 -21.28 -7.54 5.24
N ILE A 118 -22.52 -7.80 5.63
CA ILE A 118 -23.70 -7.32 4.86
C ILE A 118 -23.65 -5.83 4.69
N GLU A 119 -23.39 -5.12 5.78
CA GLU A 119 -23.15 -3.68 5.69
C GLU A 119 -22.05 -3.18 4.74
N ARG A 120 -20.96 -3.92 4.56
CA ARG A 120 -19.80 -3.49 3.77
C ARG A 120 -20.07 -3.87 2.31
N GLY A 121 -21.25 -4.40 2.06
CA GLY A 121 -21.57 -4.84 0.71
C GLY A 121 -21.09 -6.24 0.37
N GLU A 122 -21.13 -7.13 1.37
CA GLU A 122 -20.81 -8.57 1.22
C GLU A 122 -19.71 -8.90 0.21
N LYS A 123 -18.56 -8.29 0.41
CA LYS A 123 -17.44 -8.49 -0.49
C LYS A 123 -17.00 -9.94 -0.38
N ILE A 124 -17.02 -10.47 0.85
CA ILE A 124 -16.78 -11.90 1.07
C ILE A 124 -18.14 -12.57 1.28
N PRO A 125 -18.30 -13.77 0.74
CA PRO A 125 -19.64 -14.31 0.86
C PRO A 125 -19.88 -14.60 2.33
N ASN A 126 -21.12 -14.41 2.78
CA ASN A 126 -21.48 -14.72 4.17
C ASN A 126 -21.17 -16.17 4.55
N GLU A 127 -21.45 -17.09 3.60
CA GLU A 127 -21.22 -18.52 3.82
C GLU A 127 -19.75 -18.82 4.08
N VAL A 128 -18.86 -18.04 3.47
CA VAL A 128 -17.46 -18.29 3.67
C VAL A 128 -17.04 -17.79 5.06
N ILE A 129 -17.64 -16.71 5.56
CA ILE A 129 -17.26 -16.19 6.90
C ILE A 129 -17.77 -17.14 7.92
N LYS A 130 -18.93 -17.73 7.62
CA LYS A 130 -19.47 -18.70 8.54
C LYS A 130 -18.53 -19.94 8.64
N LYS A 131 -18.01 -20.42 7.51
CA LYS A 131 -17.08 -21.56 7.55
C LYS A 131 -15.78 -21.19 8.27
N MET A 132 -15.25 -20.04 7.93
CA MET A 132 -14.11 -19.50 8.68
C MET A 132 -14.30 -19.48 10.20
N TYR A 133 -15.47 -19.06 10.66
CA TYR A 133 -15.70 -18.88 12.09
C TYR A 133 -15.72 -20.27 12.74
N GLU A 134 -16.41 -21.21 12.11
CA GLU A 134 -16.51 -22.57 12.64
C GLU A 134 -15.14 -23.25 12.80
N LYS A 135 -14.27 -23.08 11.79
CA LYS A 135 -12.97 -23.69 11.66
C LYS A 135 -11.79 -22.94 12.32
N PHE A 136 -12.01 -21.72 12.80
CA PHE A 136 -10.87 -20.88 13.28
C PHE A 136 -10.31 -21.49 14.58
N ASP A 137 -9.00 -21.74 14.61
CA ASP A 137 -8.33 -22.15 15.88
C ASP A 137 -7.90 -20.89 16.61
N GLU A 138 -8.56 -20.59 17.74
CA GLU A 138 -8.23 -19.34 18.45
C GLU A 138 -6.76 -19.37 18.90
N PRO A 139 -6.08 -18.24 18.77
CA PRO A 139 -4.63 -18.20 19.03
C PRO A 139 -4.31 -18.65 20.41
N GLY A 140 -3.22 -19.40 20.51
CA GLY A 140 -2.63 -19.75 21.78
C GLY A 140 -3.16 -21.09 22.21
N LYS A 141 -3.80 -21.81 21.29
CA LYS A 141 -4.50 -23.01 21.71
C LYS A 141 -3.54 -24.18 21.79
N LYS A 142 -2.34 -23.98 21.25
CA LYS A 142 -1.39 -25.05 21.01
C LYS A 142 0.03 -24.63 21.45
N TYR A 143 0.44 -23.40 21.07
CA TYR A 143 1.74 -22.85 21.47
C TYR A 143 1.72 -21.67 22.45
N LYS A 144 2.59 -21.76 23.45
CA LYS A 144 2.75 -20.67 24.40
C LYS A 144 3.14 -19.39 23.69
N TRP A 145 3.91 -19.47 22.61
CA TRP A 145 4.37 -18.23 22.00
C TRP A 145 3.22 -17.56 21.23
N ASP A 146 2.13 -18.29 21.04
CA ASP A 146 1.00 -17.85 20.23
C ASP A 146 -0.10 -17.26 21.12
N GLU A 147 0.10 -17.21 22.45
CA GLU A 147 -0.96 -16.70 23.30
C GLU A 147 -1.02 -15.17 23.17
N PRO A 148 -2.23 -14.62 22.98
CA PRO A 148 -2.45 -13.18 22.87
C PRO A 148 -2.07 -12.44 24.09
N PHE A 149 -1.52 -11.27 23.84
CA PHE A 149 -1.26 -10.30 24.92
C PHE A 149 -2.59 -9.66 25.36
N LEU A 150 -3.48 -9.45 24.41
CA LEU A 150 -4.78 -8.84 24.66
C LEU A 150 -5.81 -9.57 23.83
N ILE A 151 -6.98 -9.84 24.41
CA ILE A 151 -8.12 -10.31 23.62
C ILE A 151 -9.19 -9.25 23.69
N ILE A 152 -9.66 -8.76 22.55
CA ILE A 152 -10.48 -7.61 22.59
C ILE A 152 -11.81 -7.89 21.93
N ASP A 153 -12.87 -7.62 22.66
CA ASP A 153 -14.22 -7.88 22.14
C ASP A 153 -14.67 -6.61 21.39
N THR A 154 -14.81 -6.67 20.06
CA THR A 154 -15.05 -5.42 19.32
C THR A 154 -16.53 -4.98 19.29
N THR A 155 -17.37 -5.62 20.10
CA THR A 155 -18.74 -5.09 20.30
C THR A 155 -18.79 -4.34 21.62
N LYS A 156 -17.68 -4.36 22.32
CA LYS A 156 -17.64 -3.63 23.58
C LYS A 156 -16.71 -2.38 23.47
N ASP A 157 -16.78 -1.52 24.46
CA ASP A 157 -16.00 -0.28 24.42
C ASP A 157 -14.54 -0.62 24.36
N ILE A 158 -13.77 0.01 23.49
CA ILE A 158 -12.38 -0.29 23.56
C ILE A 158 -11.52 0.93 23.99
N ASP A 159 -10.70 0.77 25.01
CA ASP A 159 -10.01 1.91 25.62
C ASP A 159 -8.59 2.03 25.07
N PHE A 160 -8.44 2.76 23.97
CA PHE A 160 -7.14 2.81 23.33
C PHE A 160 -6.02 3.33 24.24
N ASN A 161 -6.36 4.22 25.18
CA ASN A 161 -5.30 4.81 25.96
C ASN A 161 -4.65 3.74 26.80
N GLU A 162 -5.51 2.94 27.40
CA GLU A 162 -5.15 1.83 28.25
C GLU A 162 -4.28 0.86 27.43
N ILE A 163 -4.74 0.57 26.21
CA ILE A 163 -4.04 -0.40 25.35
C ILE A 163 -2.68 0.17 24.97
N ALA A 164 -2.64 1.45 24.59
CA ALA A 164 -1.34 2.11 24.36
C ALA A 164 -0.41 1.98 25.62
N LYS A 165 -0.96 2.30 26.79
CA LYS A 165 -0.15 2.28 27.97
C LYS A 165 0.49 0.91 28.19
N LYS A 166 -0.31 -0.14 28.04
CA LYS A 166 0.12 -1.50 28.28
C LYS A 166 1.14 -1.91 27.25
N LEU A 167 0.92 -1.50 26.00
CA LEU A 167 1.87 -1.89 24.93
C LEU A 167 3.16 -1.18 25.10
N ILE A 168 3.12 0.10 25.50
CA ILE A 168 4.41 0.74 25.67
C ILE A 168 5.16 0.20 26.92
N GLU A 169 4.44 -0.32 27.91
CA GLU A 169 5.12 -0.99 29.03
C GLU A 169 5.79 -2.28 28.50
N LYS A 170 5.01 -3.05 27.76
CA LYS A 170 5.49 -4.28 27.19
C LYS A 170 6.73 -4.02 26.36
N SER A 171 6.74 -2.89 25.70
CA SER A 171 7.86 -2.61 24.80
C SER A 171 9.24 -2.55 25.47
N LYS A 172 9.27 -2.07 26.71
CA LYS A 172 10.46 -2.04 27.57
C LYS A 172 10.92 -3.38 28.20
N GLU A 173 10.11 -4.44 28.03
CA GLU A 173 10.45 -5.76 28.57
C GLU A 173 11.44 -6.49 27.68
N ILE A 174 12.10 -7.50 28.23
CA ILE A 174 13.02 -8.30 27.43
C ILE A 174 12.27 -9.32 26.63
N PRO A 175 12.55 -9.41 25.32
CA PRO A 175 11.93 -10.46 24.53
C PRO A 175 12.47 -11.80 25.00
N LYS A 176 11.61 -12.80 25.11
CA LYS A 176 12.13 -14.14 25.46
C LYS A 176 11.89 -15.27 24.45
N PHE A 177 10.69 -15.31 23.82
CA PHE A 177 10.38 -16.31 22.77
C PHE A 177 10.28 -17.81 23.23
N ASN A 189 3.64 -24.58 5.91
CA ASN A 189 2.62 -25.62 5.83
C ASN A 189 1.84 -25.63 4.51
N ILE A 190 1.93 -26.76 3.82
CA ILE A 190 1.20 -26.99 2.59
C ILE A 190 -0.29 -27.13 2.87
N SER A 191 -0.65 -27.77 3.97
CA SER A 191 -2.08 -27.88 4.23
C SER A 191 -2.67 -26.49 4.43
N ASP A 192 -1.92 -25.57 5.04
CA ASP A 192 -2.48 -24.25 5.35
C ASP A 192 -2.62 -23.52 4.02
N LYS A 193 -1.60 -23.62 3.16
CA LYS A 193 -1.67 -23.07 1.83
C LYS A 193 -2.88 -23.60 1.02
N ILE A 194 -3.06 -24.91 1.01
CA ILE A 194 -4.17 -25.45 0.23
C ILE A 194 -5.52 -24.98 0.84
N ASP A 195 -5.58 -24.98 2.15
CA ASP A 195 -6.80 -24.53 2.84
C ASP A 195 -7.12 -23.10 2.52
N LYS A 196 -6.09 -22.31 2.58
CA LYS A 196 -6.25 -20.85 2.38
C LYS A 196 -6.59 -20.49 0.92
N GLU A 197 -5.87 -21.08 -0.05
CA GLU A 197 -6.13 -20.72 -1.46
C GLU A 197 -7.42 -21.34 -2.02
N THR A 198 -7.78 -22.57 -1.60
CA THR A 198 -9.05 -23.03 -2.06
C THR A 198 -10.17 -22.15 -1.51
N ARG A 199 -10.01 -21.63 -0.30
CA ARG A 199 -11.07 -20.75 0.19
C ARG A 199 -11.18 -19.46 -0.65
N LYS A 200 -10.02 -18.87 -0.92
CA LYS A 200 -9.98 -17.68 -1.80
C LYS A 200 -10.53 -17.96 -3.24
N ILE A 201 -10.21 -19.13 -3.81
CA ILE A 201 -10.77 -19.43 -5.14
C ILE A 201 -12.29 -19.56 -5.10
N VAL A 202 -12.77 -20.32 -4.13
CA VAL A 202 -14.21 -20.37 -3.88
C VAL A 202 -14.86 -19.00 -3.78
N SER A 203 -14.24 -18.10 -3.02
CA SER A 203 -14.83 -16.76 -2.87
C SER A 203 -14.83 -15.99 -4.18
N GLU A 204 -13.72 -16.02 -4.91
CA GLU A 204 -13.69 -15.37 -6.21
C GLU A 204 -14.75 -15.89 -7.17
N TYR A 205 -14.81 -17.22 -7.31
CA TYR A 205 -15.84 -17.87 -8.14
C TYR A 205 -17.22 -17.40 -7.81
N ILE A 206 -17.55 -17.44 -6.52
CA ILE A 206 -18.84 -17.02 -6.07
C ILE A 206 -19.07 -15.56 -6.54
N LYS A 207 -18.12 -14.68 -6.31
CA LYS A 207 -18.46 -13.28 -6.57
C LYS A 207 -18.51 -13.06 -8.07
N SER A 208 -17.57 -13.69 -8.76
CA SER A 208 -17.39 -13.54 -10.21
C SER A 208 -18.65 -13.99 -10.97
N LYS A 209 -19.12 -15.18 -10.67
CA LYS A 209 -20.26 -15.80 -11.34
C LYS A 209 -21.57 -15.45 -10.65
N LYS A 210 -21.48 -14.63 -9.61
CA LYS A 210 -22.66 -14.20 -8.88
C LYS A 210 -23.55 -15.43 -8.66
N LEU A 211 -23.14 -16.33 -7.76
CA LEU A 211 -23.88 -17.59 -7.59
C LEU A 211 -25.04 -17.41 -6.62
N ASP A 212 -26.19 -18.00 -6.93
CA ASP A 212 -27.32 -17.94 -5.97
C ASP A 212 -27.01 -18.64 -4.67
N LYS A 213 -27.88 -18.42 -3.70
CA LYS A 213 -27.59 -18.85 -2.36
C LYS A 213 -27.38 -20.35 -2.33
N ASP A 214 -28.22 -21.09 -3.04
CA ASP A 214 -28.15 -22.54 -3.04
C ASP A 214 -26.82 -23.04 -3.62
N LYS A 215 -26.44 -22.47 -4.76
CA LYS A 215 -25.18 -22.78 -5.44
C LYS A 215 -24.00 -22.43 -4.53
N ILE A 216 -24.07 -21.29 -3.85
CA ILE A 216 -23.00 -20.98 -2.88
C ILE A 216 -22.78 -22.13 -1.90
N LYS A 217 -23.88 -22.68 -1.38
CA LYS A 217 -23.81 -23.77 -0.42
C LYS A 217 -23.14 -25.02 -1.00
N GLU A 218 -23.55 -25.40 -2.20
CA GLU A 218 -23.00 -26.55 -2.85
C GLU A 218 -21.50 -26.38 -3.10
N VAL A 219 -21.08 -25.18 -3.50
CA VAL A 219 -19.65 -24.94 -3.73
C VAL A 219 -18.85 -24.99 -2.43
N VAL A 220 -19.37 -24.38 -1.37
CA VAL A 220 -18.66 -24.52 -0.09
C VAL A 220 -18.57 -26.01 0.31
N GLU A 221 -19.67 -26.73 0.17
CA GLU A 221 -19.62 -28.19 0.41
C GLU A 221 -18.66 -28.95 -0.53
N LEU A 222 -18.64 -28.54 -1.78
CA LEU A 222 -17.71 -29.12 -2.72
C LEU A 222 -16.29 -28.98 -2.21
N ARG A 223 -15.95 -27.78 -1.77
CA ARG A 223 -14.62 -27.60 -1.22
C ARG A 223 -14.38 -28.51 -0.04
N LYS A 224 -15.36 -28.58 0.86
CA LYS A 224 -15.19 -29.42 2.06
C LYS A 224 -14.85 -30.86 1.64
N GLU A 225 -15.65 -31.40 0.73
CA GLU A 225 -15.48 -32.81 0.36
C GLU A 225 -14.15 -32.99 -0.32
N PHE A 226 -13.76 -31.97 -1.07
CA PHE A 226 -12.53 -32.07 -1.86
C PHE A 226 -11.33 -32.12 -0.91
N LEU A 227 -11.38 -31.32 0.16
CA LEU A 227 -10.33 -31.30 1.16
C LEU A 227 -10.33 -32.62 1.97
N LYS A 228 -11.51 -33.21 2.22
CA LYS A 228 -11.51 -34.57 2.81
C LYS A 228 -10.73 -35.60 1.98
N LYS A 229 -11.02 -35.67 0.69
CA LYS A 229 -10.24 -36.50 -0.24
C LYS A 229 -8.75 -36.16 -0.27
N ILE A 230 -8.42 -34.92 -0.65
CA ILE A 230 -6.99 -34.54 -0.72
C ILE A 230 -6.20 -34.89 0.54
N LYS A 231 -6.77 -34.70 1.71
CA LYS A 231 -6.07 -35.07 2.96
C LYS A 231 -5.68 -36.56 2.97
N LYS A 232 -6.64 -37.42 2.65
CA LYS A 232 -6.35 -38.84 2.46
C LYS A 232 -5.58 -39.10 1.17
N VAL A 236 1.35 -34.52 -1.26
CA VAL A 236 0.56 -33.74 -2.22
C VAL A 236 1.40 -32.58 -2.78
N ASP A 237 0.99 -32.03 -3.93
CA ASP A 237 1.65 -30.85 -4.50
C ASP A 237 0.72 -29.65 -4.59
N ALA A 238 1.03 -28.59 -3.84
CA ALA A 238 0.08 -27.48 -3.71
C ALA A 238 -0.47 -27.05 -5.06
N ASP A 239 0.36 -26.94 -6.10
CA ASP A 239 -0.19 -26.37 -7.33
C ASP A 239 -1.08 -27.33 -8.07
N ARG A 240 -0.72 -28.58 -7.98
CA ARG A 240 -1.45 -29.58 -8.70
C ARG A 240 -2.81 -29.54 -8.04
N VAL A 241 -2.82 -29.56 -6.71
CA VAL A 241 -4.08 -29.56 -5.98
C VAL A 241 -4.97 -28.35 -6.35
N LEU A 242 -4.39 -27.15 -6.46
CA LEU A 242 -5.24 -25.97 -6.65
C LEU A 242 -5.69 -25.90 -8.09
N LYS A 243 -4.85 -26.43 -8.96
CA LYS A 243 -5.23 -26.52 -10.35
C LYS A 243 -6.42 -27.49 -10.51
N GLU A 244 -6.35 -28.64 -9.87
CA GLU A 244 -7.49 -29.59 -9.92
C GLU A 244 -8.75 -28.98 -9.33
N PHE A 245 -8.56 -28.22 -8.26
CA PHE A 245 -9.68 -27.54 -7.66
C PHE A 245 -10.42 -26.56 -8.59
N LYS A 246 -9.69 -25.67 -9.26
CA LYS A 246 -10.30 -24.79 -10.23
C LYS A 246 -11.06 -25.66 -11.29
N ASP A 247 -10.38 -26.65 -11.82
CA ASP A 247 -10.96 -27.54 -12.84
C ASP A 247 -12.28 -28.14 -12.30
N LEU A 248 -12.25 -28.58 -11.05
CA LEU A 248 -13.49 -29.10 -10.40
C LEU A 248 -14.59 -28.05 -10.40
N LEU A 249 -14.30 -26.80 -9.96
CA LEU A 249 -15.39 -25.85 -9.90
C LEU A 249 -15.96 -25.59 -11.29
N ASN A 250 -15.07 -25.51 -12.30
CA ASN A 250 -15.46 -25.29 -13.70
C ASN A 250 -16.41 -26.41 -14.18
N SER A 251 -15.96 -27.66 -14.03
CA SER A 251 -16.81 -28.83 -14.30
C SER A 251 -18.12 -28.81 -13.60
N TYR A 252 -18.13 -28.41 -12.32
CA TYR A 252 -19.32 -28.46 -11.51
C TYR A 252 -20.30 -27.34 -11.84
N ASP B 3 8.98 -8.54 -22.52
CA ASP B 3 7.59 -9.00 -22.49
C ASP B 3 6.84 -8.36 -21.28
N ILE B 4 7.57 -8.17 -20.20
CA ILE B 4 7.17 -7.27 -19.12
C ILE B 4 7.66 -5.85 -19.40
N MET B 5 6.92 -4.84 -18.94
CA MET B 5 7.34 -3.43 -19.15
C MET B 5 7.07 -2.54 -17.90
N LEU B 6 7.91 -1.53 -17.65
CA LEU B 6 7.72 -0.52 -16.58
C LEU B 6 7.06 0.71 -17.19
N ILE B 7 5.90 1.05 -16.70
CA ILE B 7 5.22 2.27 -17.13
C ILE B 7 5.41 3.31 -16.01
N ILE B 8 6.00 4.44 -16.35
CA ILE B 8 6.31 5.45 -15.34
C ILE B 8 5.39 6.64 -15.52
N LEU B 9 4.48 6.88 -14.58
CA LEU B 9 3.60 8.03 -14.73
C LEU B 9 4.38 9.24 -14.21
N THR B 10 3.96 10.41 -14.65
CA THR B 10 4.50 11.67 -14.15
C THR B 10 3.45 12.74 -14.41
N GLY B 11 3.24 13.58 -13.41
CA GLY B 11 2.26 14.64 -13.53
C GLY B 11 1.91 15.20 -12.16
N LEU B 12 1.37 16.41 -12.16
CA LEU B 12 1.16 17.13 -10.88
C LEU B 12 -0.01 16.55 -10.05
N PRO B 13 -0.06 16.86 -8.73
CA PRO B 13 -1.22 16.45 -7.92
C PRO B 13 -2.61 16.84 -8.51
N GLY B 14 -3.54 15.91 -8.55
CA GLY B 14 -4.86 16.20 -9.13
C GLY B 14 -4.92 15.94 -10.62
N VAL B 15 -3.82 15.66 -11.28
CA VAL B 15 -3.84 15.54 -12.76
C VAL B 15 -4.60 14.27 -13.20
N GLY B 16 -4.60 13.24 -12.36
CA GLY B 16 -5.42 12.06 -12.58
C GLY B 16 -4.59 10.82 -12.73
N LYS B 17 -3.48 10.81 -12.04
CA LYS B 17 -2.59 9.61 -12.06
C LYS B 17 -3.24 8.38 -11.50
N SER B 18 -3.79 8.50 -10.32
CA SER B 18 -4.28 7.30 -9.67
C SER B 18 -5.47 6.79 -10.48
N THR B 19 -6.37 7.71 -10.91
CA THR B 19 -7.48 7.31 -11.78
C THR B 19 -7.03 6.64 -13.11
N PHE B 20 -6.07 7.24 -13.76
CA PHE B 20 -5.51 6.74 -14.99
C PHE B 20 -4.87 5.39 -14.77
N SER B 21 -4.17 5.26 -13.68
CA SER B 21 -3.56 3.98 -13.35
C SER B 21 -4.59 2.88 -13.21
N LYS B 22 -5.71 3.17 -12.57
CA LYS B 22 -6.68 2.11 -12.34
C LYS B 22 -7.31 1.76 -13.66
N ASN B 23 -7.60 2.75 -14.47
CA ASN B 23 -8.15 2.46 -15.80
C ASN B 23 -7.25 1.69 -16.70
N LEU B 24 -5.98 2.06 -16.72
CA LEU B 24 -5.05 1.36 -17.59
C LEU B 24 -4.79 -0.06 -17.07
N ALA B 25 -4.66 -0.25 -15.74
CA ALA B 25 -4.41 -1.58 -15.24
C ALA B 25 -5.63 -2.48 -15.63
N LYS B 26 -6.82 -1.89 -15.60
CA LYS B 26 -8.03 -2.67 -15.92
C LYS B 26 -7.99 -3.14 -17.36
N ILE B 27 -7.69 -2.25 -18.29
CA ILE B 27 -7.63 -2.68 -19.69
C ILE B 27 -6.49 -3.65 -19.99
N LEU B 28 -5.35 -3.45 -19.33
CA LEU B 28 -4.23 -4.40 -19.50
C LEU B 28 -4.59 -5.78 -18.98
N SER B 29 -5.23 -5.81 -17.81
CA SER B 29 -5.55 -7.11 -17.26
C SER B 29 -6.61 -7.81 -18.14
N LYS B 30 -7.43 -7.01 -18.81
CA LYS B 30 -8.53 -7.54 -19.57
C LYS B 30 -7.87 -8.24 -20.72
N ASN B 31 -6.71 -7.72 -21.11
CA ASN B 31 -5.92 -8.43 -22.09
C ASN B 31 -4.95 -9.47 -21.55
N ASN B 32 -5.24 -10.00 -20.34
CA ASN B 32 -4.47 -11.08 -19.74
C ASN B 32 -3.06 -10.66 -19.42
N ILE B 33 -2.83 -9.38 -19.23
CA ILE B 33 -1.49 -8.97 -18.84
C ILE B 33 -1.42 -8.91 -17.32
N ASP B 34 -0.34 -9.41 -16.73
CA ASP B 34 -0.27 -9.30 -15.23
C ASP B 34 0.37 -7.98 -14.88
N VAL B 35 -0.41 -7.07 -14.27
CA VAL B 35 0.09 -5.75 -13.99
C VAL B 35 -0.21 -5.33 -12.51
N ILE B 36 0.69 -4.60 -11.94
CA ILE B 36 0.51 -4.04 -10.58
C ILE B 36 0.72 -2.54 -10.55
N VAL B 37 -0.06 -1.81 -9.76
CA VAL B 37 0.06 -0.35 -9.70
C VAL B 37 0.76 0.00 -8.34
N LEU B 38 1.93 0.59 -8.43
CA LEU B 38 2.69 0.90 -7.18
C LEU B 38 3.08 2.35 -7.15
N GLY B 39 3.07 2.95 -5.96
CA GLY B 39 3.34 4.38 -5.85
C GLY B 39 3.70 4.60 -4.37
N SER B 40 4.46 5.63 -4.12
CA SER B 40 4.95 5.93 -2.74
C SER B 40 3.82 6.19 -1.76
N ASP B 41 2.64 6.67 -2.20
CA ASP B 41 1.54 6.84 -1.24
C ASP B 41 1.09 5.53 -0.50
N LEU B 42 1.31 4.37 -1.12
CA LEU B 42 0.94 3.07 -0.46
C LEU B 42 1.59 3.07 0.95
N ILE B 43 2.89 3.36 0.97
CA ILE B 43 3.69 3.27 2.16
C ILE B 43 3.56 4.61 2.96
N ARG B 44 3.57 5.76 2.28
CA ARG B 44 3.37 7.04 3.02
C ARG B 44 2.07 7.07 3.88
N GLU B 45 0.99 6.62 3.26
CA GLU B 45 -0.35 6.60 3.90
C GLU B 45 -0.53 5.47 4.92
N SER B 46 0.50 4.65 5.14
CA SER B 46 0.38 3.56 6.05
C SER B 46 0.87 4.01 7.43
N PHE B 47 1.50 5.16 7.50
CA PHE B 47 1.83 5.79 8.79
C PHE B 47 0.66 6.68 9.16
N PRO B 48 0.43 6.91 10.46
CA PRO B 48 -0.75 7.71 10.88
C PRO B 48 -0.56 9.24 10.74
N VAL B 49 0.71 9.67 10.62
CA VAL B 49 1.04 11.09 10.47
C VAL B 49 2.21 11.14 9.52
N TRP B 50 2.57 12.33 9.06
CA TRP B 50 3.68 12.52 8.23
C TRP B 50 4.85 13.13 9.02
N LYS B 51 6.02 12.52 8.88
CA LYS B 51 7.28 13.09 9.36
C LYS B 51 8.27 12.95 8.21
N GLU B 52 9.09 14.00 8.06
CA GLU B 52 10.16 14.08 7.07
C GLU B 52 11.09 12.85 7.15
N LYS B 53 11.38 12.38 8.36
CA LYS B 53 12.35 11.30 8.55
C LYS B 53 11.77 10.00 7.93
N TYR B 54 10.47 9.96 7.67
CA TYR B 54 9.91 8.76 7.06
C TYR B 54 10.21 8.65 5.55
N GLU B 55 10.49 9.78 4.90
CA GLU B 55 10.55 9.82 3.44
C GLU B 55 11.57 8.91 2.78
N GLU B 56 12.75 8.80 3.38
CA GLU B 56 13.77 7.87 2.93
C GLU B 56 13.32 6.41 2.98
N PHE B 57 12.71 6.00 4.10
CA PHE B 57 12.07 4.68 4.15
C PHE B 57 11.01 4.42 3.06
N ILE B 58 10.16 5.41 2.89
CA ILE B 58 9.12 5.40 1.89
C ILE B 58 9.72 5.20 0.49
N LYS B 59 10.68 6.07 0.16
CA LYS B 59 11.29 6.03 -1.15
C LYS B 59 11.87 4.63 -1.33
N LYS B 60 12.63 4.17 -0.35
CA LYS B 60 13.40 2.97 -0.63
C LYS B 60 12.46 1.80 -0.68
N SER B 61 11.45 1.82 0.19
CA SER B 61 10.52 0.71 0.22
C SER B 61 9.77 0.62 -1.11
N THR B 62 9.38 1.78 -1.60
CA THR B 62 8.74 1.89 -2.92
C THR B 62 9.56 1.35 -4.10
N TYR B 63 10.79 1.81 -4.18
CA TYR B 63 11.65 1.27 -5.22
C TYR B 63 11.87 -0.21 -5.07
N ARG B 64 11.97 -0.68 -3.83
CA ARG B 64 12.23 -2.13 -3.66
C ARG B 64 11.02 -2.95 -4.10
N LEU B 65 9.79 -2.49 -3.78
CA LEU B 65 8.56 -3.18 -4.30
C LEU B 65 8.46 -3.23 -5.84
N ILE B 66 8.75 -2.10 -6.46
CA ILE B 66 8.86 -1.97 -7.94
C ILE B 66 9.87 -2.94 -8.55
N ASP B 67 11.03 -2.98 -7.94
CA ASP B 67 12.13 -3.83 -8.40
C ASP B 67 11.64 -5.25 -8.27
N SER B 68 11.10 -5.59 -7.11
CA SER B 68 10.71 -6.99 -6.91
C SER B 68 9.60 -7.37 -7.94
N ALA B 69 8.64 -6.48 -8.13
CA ALA B 69 7.44 -6.75 -8.97
C ALA B 69 7.83 -6.90 -10.44
N LEU B 70 8.81 -6.13 -10.86
CA LEU B 70 9.14 -5.96 -12.34
C LEU B 70 9.77 -7.27 -12.83
N LYS B 71 10.21 -8.10 -11.88
CA LYS B 71 10.64 -9.44 -12.25
C LYS B 71 9.53 -10.30 -12.84
N ASN B 72 8.28 -10.06 -12.48
CA ASN B 72 7.23 -10.92 -12.94
C ASN B 72 6.02 -10.28 -13.54
N TYR B 73 5.83 -9.00 -13.28
CA TYR B 73 4.60 -8.28 -13.66
C TYR B 73 4.96 -7.00 -14.38
N TRP B 74 4.07 -6.52 -15.26
CA TRP B 74 4.13 -5.12 -15.69
C TRP B 74 3.97 -4.25 -14.42
N VAL B 75 4.65 -3.12 -14.35
CA VAL B 75 4.41 -2.27 -13.17
C VAL B 75 3.98 -0.91 -13.66
N ILE B 76 2.90 -0.33 -13.10
CA ILE B 76 2.57 1.07 -13.37
C ILE B 76 3.00 1.87 -12.14
N VAL B 77 3.86 2.86 -12.33
CA VAL B 77 4.37 3.67 -11.16
C VAL B 77 3.50 4.91 -11.06
N ASP B 78 2.64 4.90 -10.03
CA ASP B 78 1.68 5.96 -9.81
C ASP B 78 2.23 6.96 -8.80
N ASP B 79 3.03 7.91 -9.29
CA ASP B 79 3.67 8.90 -8.43
C ASP B 79 3.86 10.17 -9.26
N THR B 80 3.90 11.31 -8.56
CA THR B 80 4.18 12.58 -9.22
C THR B 80 5.40 12.58 -10.10
N ASN B 81 6.46 11.94 -9.58
CA ASN B 81 7.72 11.88 -10.33
C ASN B 81 8.11 13.26 -10.82
N TYR B 82 8.16 14.20 -9.88
CA TYR B 82 8.32 15.64 -10.21
C TYR B 82 9.70 15.96 -10.77
N TYR B 83 10.71 15.23 -10.28
CA TYR B 83 12.11 15.44 -10.65
C TYR B 83 12.61 14.44 -11.68
N ASN B 84 13.40 14.91 -12.62
CA ASN B 84 13.92 13.95 -13.56
C ASN B 84 14.79 12.86 -12.88
N SER B 85 15.40 13.20 -11.74
CA SER B 85 16.18 12.19 -10.97
C SER B 85 15.35 10.97 -10.55
N MET B 86 14.09 11.21 -10.22
CA MET B 86 13.17 10.14 -9.88
C MET B 86 12.87 9.26 -11.09
N ARG B 87 12.55 9.90 -12.22
CA ARG B 87 12.42 9.14 -13.47
C ARG B 87 13.69 8.33 -13.81
N ARG B 88 14.89 8.91 -13.55
CA ARG B 88 16.13 8.19 -13.81
C ARG B 88 16.26 6.92 -12.96
N ASP B 89 16.07 7.05 -11.63
CA ASP B 89 16.04 5.89 -10.73
C ASP B 89 15.09 4.81 -11.20
N LEU B 90 13.87 5.18 -11.61
CA LEU B 90 12.91 4.16 -12.07
C LEU B 90 13.42 3.48 -13.40
N ILE B 91 13.92 4.28 -14.34
CA ILE B 91 14.41 3.71 -15.58
C ILE B 91 15.54 2.75 -15.28
N ASN B 92 16.36 3.10 -14.31
CA ASN B 92 17.44 2.17 -13.97
C ASN B 92 17.00 0.81 -13.42
N ILE B 93 15.82 0.75 -12.83
CA ILE B 93 15.32 -0.57 -12.44
C ILE B 93 14.93 -1.40 -13.69
N ALA B 94 14.25 -0.75 -14.63
CA ALA B 94 14.00 -1.39 -15.92
C ALA B 94 15.32 -1.84 -16.55
N LYS B 95 16.34 -1.00 -16.49
CA LYS B 95 17.59 -1.32 -17.20
C LYS B 95 18.26 -2.49 -16.50
N LYS B 96 18.17 -2.51 -15.18
CA LYS B 96 18.67 -3.63 -14.41
C LYS B 96 18.17 -5.00 -14.83
N TYR B 97 16.90 -5.08 -15.25
CA TYR B 97 16.28 -6.33 -15.69
C TYR B 97 16.11 -6.40 -17.21
N ASN B 98 16.74 -5.47 -17.93
CA ASN B 98 16.51 -5.43 -19.37
C ASN B 98 15.05 -5.47 -19.83
N LYS B 99 14.26 -4.57 -19.29
CA LYS B 99 12.86 -4.41 -19.59
C LYS B 99 12.67 -3.11 -20.27
N ASN B 100 11.74 -3.09 -21.19
CA ASN B 100 11.30 -1.90 -21.81
C ASN B 100 10.68 -0.99 -20.75
N TYR B 101 10.63 0.31 -21.04
CA TYR B 101 9.85 1.23 -20.19
C TYR B 101 9.22 2.26 -21.06
N ALA B 102 8.18 2.87 -20.49
CA ALA B 102 7.43 3.98 -21.08
C ALA B 102 7.11 5.02 -20.07
N ILE B 103 7.50 6.26 -20.32
CA ILE B 103 7.07 7.34 -19.49
C ILE B 103 5.78 7.88 -20.06
N ILE B 104 4.77 8.10 -19.22
CA ILE B 104 3.53 8.68 -19.68
C ILE B 104 3.29 9.94 -18.90
N TYR B 105 3.30 11.05 -19.62
CA TYR B 105 3.18 12.36 -19.01
C TYR B 105 1.73 12.81 -19.05
N LEU B 106 1.12 13.00 -17.87
CA LEU B 106 -0.27 13.40 -17.80
C LEU B 106 -0.34 14.92 -17.55
N LYS B 107 -1.11 15.65 -18.36
CA LYS B 107 -1.22 17.10 -18.11
C LYS B 107 -2.67 17.59 -18.07
N ALA B 108 -2.85 18.72 -17.43
CA ALA B 108 -4.15 19.42 -17.31
C ALA B 108 -3.84 20.84 -16.90
N SER B 109 -4.70 21.76 -17.30
CA SER B 109 -4.52 23.16 -16.96
C SER B 109 -4.52 23.39 -15.45
N LEU B 110 -3.87 24.49 -15.02
CA LEU B 110 -3.78 24.89 -13.63
C LEU B 110 -5.15 25.05 -13.07
N ASP B 111 -6.07 25.64 -13.83
CA ASP B 111 -7.38 25.86 -13.25
C ASP B 111 -8.07 24.56 -12.95
N VAL B 112 -7.86 23.57 -13.82
CA VAL B 112 -8.47 22.28 -13.58
C VAL B 112 -7.82 21.58 -12.40
N LEU B 113 -6.52 21.72 -12.28
CA LEU B 113 -5.84 21.16 -11.08
C LEU B 113 -6.38 21.75 -9.77
N ILE B 114 -6.57 23.06 -9.73
CA ILE B 114 -7.11 23.71 -8.55
C ILE B 114 -8.50 23.29 -8.26
N ARG B 115 -9.35 23.17 -9.26
CA ARG B 115 -10.72 22.80 -8.94
C ARG B 115 -10.79 21.38 -8.42
N ARG B 116 -9.98 20.52 -9.00
CA ARG B 116 -9.93 19.16 -8.48
C ARG B 116 -9.40 19.16 -7.07
N ASN B 117 -8.38 19.98 -6.83
CA ASN B 117 -7.82 20.06 -5.47
C ASN B 117 -8.90 20.48 -4.49
N ILE B 118 -9.61 21.58 -4.84
CA ILE B 118 -10.70 22.07 -4.02
C ILE B 118 -11.70 21.00 -3.83
N GLU B 119 -12.15 20.43 -4.95
CA GLU B 119 -13.08 19.31 -4.90
C GLU B 119 -12.76 18.35 -3.77
N ARG B 120 -11.50 17.91 -3.71
CA ARG B 120 -11.08 16.88 -2.78
C ARG B 120 -10.72 17.45 -1.37
N GLY B 121 -10.94 18.74 -1.16
CA GLY B 121 -10.83 19.32 0.18
C GLY B 121 -9.61 20.21 0.40
N GLU B 122 -8.89 20.49 -0.68
CA GLU B 122 -7.69 21.30 -0.57
C GLU B 122 -6.68 20.69 0.41
N LYS B 123 -6.44 19.38 0.36
CA LYS B 123 -5.43 18.77 1.25
C LYS B 123 -4.02 19.33 1.02
N ILE B 124 -3.72 19.70 -0.21
CA ILE B 124 -2.47 20.39 -0.49
C ILE B 124 -2.96 21.79 -0.76
N PRO B 125 -2.27 22.77 -0.18
CA PRO B 125 -2.70 24.15 -0.39
C PRO B 125 -2.74 24.47 -1.87
N ASN B 126 -3.77 25.20 -2.30
CA ASN B 126 -3.79 25.66 -3.68
C ASN B 126 -2.52 26.39 -4.11
N GLU B 127 -1.97 27.25 -3.24
N GLU B 127 -1.99 27.20 -3.20
CA GLU B 127 -0.81 28.02 -3.66
CA GLU B 127 -0.84 28.02 -3.48
C GLU B 127 0.40 27.14 -3.88
C GLU B 127 0.36 27.16 -3.84
N VAL B 128 0.44 25.99 -3.22
CA VAL B 128 1.55 25.07 -3.45
C VAL B 128 1.40 24.39 -4.83
N ILE B 129 0.17 24.01 -5.14
CA ILE B 129 -0.11 23.46 -6.48
C ILE B 129 0.32 24.44 -7.56
N LYS B 130 0.00 25.71 -7.32
CA LYS B 130 0.29 26.78 -8.25
C LYS B 130 1.76 26.84 -8.44
N LYS B 131 2.52 26.74 -7.33
CA LYS B 131 3.96 26.90 -7.43
C LYS B 131 4.57 25.68 -8.14
N MET B 132 4.05 24.47 -7.88
CA MET B 132 4.54 23.26 -8.52
C MET B 132 4.31 23.37 -10.03
N TYR B 133 3.16 23.91 -10.36
CA TYR B 133 2.80 24.10 -11.79
C TYR B 133 3.80 25.02 -12.46
N GLU B 134 4.06 26.15 -11.82
CA GLU B 134 5.09 27.08 -12.26
C GLU B 134 6.45 26.46 -12.46
N LYS B 135 6.94 25.75 -11.46
CA LYS B 135 8.29 25.25 -11.52
C LYS B 135 8.50 23.88 -12.17
N PHE B 136 7.41 23.21 -12.55
CA PHE B 136 7.54 21.89 -13.15
C PHE B 136 8.29 21.98 -14.47
N ASP B 137 9.28 21.10 -14.58
CA ASP B 137 9.98 20.83 -15.83
C ASP B 137 9.38 19.57 -16.49
N GLU B 138 8.78 19.75 -17.65
CA GLU B 138 8.16 18.67 -18.41
C GLU B 138 9.19 17.63 -18.77
N PRO B 139 8.80 16.36 -18.74
CA PRO B 139 9.69 15.26 -19.07
C PRO B 139 10.31 15.51 -20.45
N GLY B 140 11.60 15.22 -20.56
CA GLY B 140 12.30 15.21 -21.84
C GLY B 140 12.88 16.54 -22.23
N LYS B 141 12.79 17.49 -21.30
CA LYS B 141 13.22 18.87 -21.53
C LYS B 141 14.71 18.89 -21.78
N LYS B 142 15.45 18.07 -21.01
CA LYS B 142 16.90 17.90 -21.17
C LYS B 142 17.43 16.62 -21.83
N TYR B 143 16.92 15.45 -21.43
CA TYR B 143 17.53 14.18 -21.86
C TYR B 143 16.58 13.35 -22.69
N LYS B 144 17.13 12.68 -23.69
CA LYS B 144 16.34 11.84 -24.57
C LYS B 144 15.73 10.61 -23.89
N TRP B 145 16.39 10.07 -22.91
CA TRP B 145 15.86 8.94 -22.20
C TRP B 145 14.64 9.30 -21.39
N ASP B 146 14.46 10.60 -21.14
CA ASP B 146 13.35 11.16 -20.40
C ASP B 146 12.10 11.53 -21.21
N GLU B 147 12.13 11.37 -22.53
CA GLU B 147 10.97 11.81 -23.31
C GLU B 147 9.77 10.90 -23.12
N PRO B 148 8.59 11.48 -22.92
CA PRO B 148 7.34 10.72 -22.78
C PRO B 148 7.09 9.81 -24.00
N PHE B 149 6.80 8.53 -23.76
CA PHE B 149 6.25 7.68 -24.80
C PHE B 149 4.84 8.27 -25.22
N LEU B 150 4.10 8.78 -24.25
CA LEU B 150 2.79 9.31 -24.48
C LEU B 150 2.58 10.56 -23.67
N ILE B 151 1.88 11.52 -24.25
CA ILE B 151 1.54 12.69 -23.47
C ILE B 151 -0.02 12.73 -23.40
N ILE B 152 -0.62 12.71 -22.22
CA ILE B 152 -2.08 12.59 -22.12
C ILE B 152 -2.74 13.83 -21.51
N ASP B 153 -3.73 14.39 -22.22
CA ASP B 153 -4.53 15.50 -21.73
C ASP B 153 -5.70 14.97 -20.93
N THR B 154 -5.63 15.05 -19.61
CA THR B 154 -6.70 14.50 -18.79
C THR B 154 -7.89 15.45 -18.72
N THR B 155 -7.85 16.56 -19.45
CA THR B 155 -9.08 17.35 -19.53
C THR B 155 -9.96 16.84 -20.70
N LYS B 156 -9.47 15.88 -21.46
CA LYS B 156 -10.26 15.27 -22.53
C LYS B 156 -10.43 13.77 -22.31
N ASP B 157 -11.31 13.13 -23.10
CA ASP B 157 -11.52 11.69 -22.92
C ASP B 157 -10.29 10.98 -23.40
N ILE B 158 -10.04 9.83 -22.83
CA ILE B 158 -8.83 9.05 -23.07
C ILE B 158 -9.23 7.70 -23.60
N ASP B 159 -8.61 7.32 -24.72
CA ASP B 159 -8.84 6.05 -25.39
C ASP B 159 -7.84 5.01 -24.87
N PHE B 160 -8.27 4.31 -23.83
CA PHE B 160 -7.42 3.32 -23.16
C PHE B 160 -7.13 2.12 -24.06
N ASN B 161 -8.02 1.84 -25.00
CA ASN B 161 -7.78 0.75 -25.93
C ASN B 161 -6.60 1.05 -26.82
N GLU B 162 -6.54 2.29 -27.28
N GLU B 162 -6.54 2.29 -27.28
CA GLU B 162 -5.42 2.69 -28.10
CA GLU B 162 -5.43 2.71 -28.12
C GLU B 162 -4.14 2.67 -27.28
C GLU B 162 -4.13 2.75 -27.31
N ILE B 163 -4.21 3.17 -26.05
CA ILE B 163 -3.03 3.19 -25.19
C ILE B 163 -2.51 1.81 -24.93
N ALA B 164 -3.36 0.89 -24.55
CA ALA B 164 -2.93 -0.44 -24.32
C ALA B 164 -2.29 -1.03 -25.55
N LYS B 165 -2.88 -0.78 -26.73
CA LYS B 165 -2.34 -1.33 -27.97
C LYS B 165 -0.94 -0.78 -28.21
N LYS B 166 -0.76 0.52 -28.03
CA LYS B 166 0.56 1.17 -28.20
C LYS B 166 1.57 0.58 -27.20
N LEU B 167 1.14 0.40 -25.93
CA LEU B 167 2.05 -0.21 -24.97
C LEU B 167 2.42 -1.67 -25.21
N ILE B 168 1.44 -2.48 -25.65
CA ILE B 168 1.76 -3.84 -25.90
C ILE B 168 2.73 -3.92 -27.07
N GLU B 169 2.49 -3.08 -28.06
CA GLU B 169 3.45 -3.00 -29.18
C GLU B 169 4.85 -2.62 -28.68
N LYS B 170 4.89 -1.61 -27.80
CA LYS B 170 6.19 -1.20 -27.25
C LYS B 170 6.88 -2.31 -26.45
N SER B 171 6.10 -3.11 -25.73
CA SER B 171 6.72 -4.09 -24.85
C SER B 171 7.46 -5.21 -25.67
N LYS B 172 7.13 -5.35 -26.95
CA LYS B 172 7.74 -6.36 -27.84
C LYS B 172 9.03 -5.85 -28.49
N GLU B 173 9.34 -4.59 -28.25
CA GLU B 173 10.56 -4.02 -28.84
C GLU B 173 11.78 -4.47 -28.06
N ILE B 174 12.94 -4.47 -28.71
CA ILE B 174 14.19 -4.71 -27.98
C ILE B 174 14.57 -3.48 -27.15
N PRO B 175 14.73 -3.63 -25.81
CA PRO B 175 15.06 -2.50 -24.95
C PRO B 175 16.42 -1.88 -25.33
N LYS B 176 16.58 -0.59 -25.08
CA LYS B 176 17.82 0.14 -25.37
C LYS B 176 18.04 1.24 -24.28
N PHE B 177 19.20 1.23 -23.65
CA PHE B 177 19.46 2.20 -22.57
C PHE B 177 20.76 3.06 -22.78
N ASN B 189 19.40 12.84 -5.41
CA ASN B 189 20.12 14.11 -5.38
C ASN B 189 19.74 15.10 -4.26
N ILE B 190 20.77 15.73 -3.67
CA ILE B 190 20.59 16.53 -2.47
C ILE B 190 19.76 17.78 -2.71
N SER B 191 19.99 18.47 -3.81
CA SER B 191 19.17 19.61 -4.21
C SER B 191 17.66 19.28 -4.40
N ASP B 192 17.37 18.17 -5.07
CA ASP B 192 15.99 17.71 -5.25
C ASP B 192 15.41 17.34 -3.92
N LYS B 193 16.17 16.66 -3.09
CA LYS B 193 15.62 16.22 -1.81
C LYS B 193 15.25 17.46 -1.00
N ILE B 194 16.15 18.45 -1.01
CA ILE B 194 15.87 19.64 -0.24
C ILE B 194 14.72 20.43 -0.83
N ASP B 195 14.66 20.49 -2.12
CA ASP B 195 13.51 21.17 -2.75
C ASP B 195 12.21 20.45 -2.39
N LYS B 196 12.22 19.13 -2.46
CA LYS B 196 10.99 18.34 -2.28
C LYS B 196 10.50 18.44 -0.86
N GLU B 197 11.40 18.19 0.10
CA GLU B 197 11.00 18.15 1.52
C GLU B 197 10.64 19.52 2.09
N THR B 198 11.35 20.57 1.66
CA THR B 198 10.91 21.87 2.07
C THR B 198 9.49 22.20 1.57
N ARG B 199 9.11 21.75 0.37
CA ARG B 199 7.73 21.96 -0.09
CA ARG B 199 7.73 21.96 -0.07
C ARG B 199 6.74 21.18 0.81
N LYS B 200 7.10 19.94 1.12
CA LYS B 200 6.19 19.14 1.95
C LYS B 200 6.01 19.80 3.33
N ILE B 201 7.12 20.26 3.91
CA ILE B 201 7.08 20.96 5.21
C ILE B 201 6.18 22.18 5.17
N VAL B 202 6.40 23.03 4.20
CA VAL B 202 5.51 24.18 3.93
C VAL B 202 4.01 23.78 3.89
N SER B 203 3.71 22.75 3.12
CA SER B 203 2.33 22.31 2.96
C SER B 203 1.76 21.85 4.28
N GLU B 204 2.59 21.17 5.04
CA GLU B 204 2.13 20.63 6.32
C GLU B 204 1.97 21.71 7.39
N TYR B 205 2.79 22.75 7.35
CA TYR B 205 2.58 23.88 8.23
C TYR B 205 1.33 24.64 7.85
N ILE B 206 1.17 24.87 6.55
CA ILE B 206 -0.02 25.59 6.16
C ILE B 206 -1.28 24.89 6.64
N LYS B 207 -1.32 23.58 6.50
CA LYS B 207 -2.53 22.85 6.94
C LYS B 207 -2.65 22.75 8.47
N SER B 208 -1.60 22.28 9.14
CA SER B 208 -1.62 22.15 10.59
C SER B 208 -1.87 23.45 11.31
N LYS B 209 -1.27 24.52 10.83
CA LYS B 209 -1.50 25.83 11.42
C LYS B 209 -2.76 26.55 10.89
N LYS B 210 -3.44 25.99 9.89
CA LYS B 210 -4.48 26.75 9.20
C LYS B 210 -4.08 28.22 8.96
N LEU B 211 -3.00 28.43 8.22
CA LEU B 211 -2.53 29.79 7.92
C LEU B 211 -3.54 30.51 7.06
N ASP B 212 -3.75 31.81 7.30
CA ASP B 212 -4.64 32.52 6.40
C ASP B 212 -3.93 32.65 5.04
N LYS B 213 -4.64 33.19 4.03
CA LYS B 213 -4.10 33.25 2.67
C LYS B 213 -2.89 34.19 2.59
N ASP B 214 -2.89 35.16 3.45
CA ASP B 214 -1.76 36.07 3.42
C ASP B 214 -0.48 35.47 4.02
N LYS B 215 -0.62 34.71 5.11
CA LYS B 215 0.49 34.01 5.74
C LYS B 215 1.06 32.90 4.83
N ILE B 216 0.17 32.31 4.03
CA ILE B 216 0.57 31.26 3.10
C ILE B 216 1.53 31.83 2.12
N LYS B 217 1.21 33.02 1.63
CA LYS B 217 2.03 33.59 0.58
C LYS B 217 3.36 34.01 1.17
N GLU B 218 3.36 34.43 2.45
CA GLU B 218 4.62 34.80 3.14
C GLU B 218 5.54 33.56 3.27
N VAL B 219 4.94 32.48 3.76
CA VAL B 219 5.64 31.21 3.94
C VAL B 219 6.19 30.61 2.63
N VAL B 220 5.37 30.62 1.59
CA VAL B 220 5.88 30.28 0.26
C VAL B 220 7.09 31.10 -0.17
N GLU B 221 7.02 32.38 0.06
CA GLU B 221 8.14 33.24 -0.31
C GLU B 221 9.34 32.96 0.60
N LEU B 222 9.03 32.74 1.87
CA LEU B 222 10.09 32.36 2.79
C LEU B 222 10.85 31.13 2.29
N ARG B 223 10.15 30.09 1.82
CA ARG B 223 10.83 28.92 1.28
C ARG B 223 11.71 29.27 0.12
N LYS B 224 11.15 30.00 -0.84
CA LYS B 224 11.95 30.47 -1.98
C LYS B 224 13.27 31.16 -1.54
N GLU B 225 13.15 32.17 -0.69
N GLU B 225 13.15 32.18 -0.69
CA GLU B 225 14.30 32.92 -0.17
CA GLU B 225 14.33 32.89 -0.20
C GLU B 225 15.29 32.01 0.52
C GLU B 225 15.30 31.95 0.46
N PHE B 226 14.77 31.10 1.35
CA PHE B 226 15.59 30.12 2.07
C PHE B 226 16.42 29.26 1.10
N LEU B 227 15.77 28.74 0.06
CA LEU B 227 16.40 27.81 -0.85
C LEU B 227 17.59 28.47 -1.61
N LYS B 228 17.47 29.77 -1.83
CA LYS B 228 18.50 30.66 -2.39
C LYS B 228 19.75 30.64 -1.51
N LYS B 229 19.53 31.05 -0.28
CA LYS B 229 20.60 31.02 0.69
C LYS B 229 21.28 29.66 0.79
N ILE B 230 20.55 28.55 0.68
CA ILE B 230 21.16 27.21 0.82
C ILE B 230 21.94 26.84 -0.43
N LYS B 231 21.53 27.34 -1.57
CA LYS B 231 22.26 27.03 -2.80
C LYS B 231 23.67 27.62 -2.67
N LYS B 232 23.77 28.81 -2.09
CA LYS B 232 25.07 29.48 -1.90
C LYS B 232 26.02 28.64 -1.02
N VAL B 236 26.29 21.06 1.51
CA VAL B 236 25.35 20.94 2.64
C VAL B 236 24.93 19.49 2.90
N ASP B 237 24.44 19.23 4.11
CA ASP B 237 23.77 17.96 4.38
C ASP B 237 22.30 18.18 4.72
N ALA B 238 21.48 17.30 4.18
CA ALA B 238 20.07 17.54 4.12
C ALA B 238 19.34 17.54 5.46
N ASP B 239 19.62 16.60 6.36
CA ASP B 239 18.96 16.63 7.66
C ASP B 239 19.07 17.98 8.41
N ARG B 240 20.27 18.55 8.42
CA ARG B 240 20.53 19.78 9.18
C ARG B 240 19.79 20.94 8.53
N VAL B 241 19.86 21.00 7.21
CA VAL B 241 19.18 22.06 6.48
C VAL B 241 17.68 21.98 6.76
N LEU B 242 17.12 20.77 6.75
CA LEU B 242 15.69 20.62 6.91
C LEU B 242 15.23 20.94 8.31
N LYS B 243 16.04 20.59 9.31
CA LYS B 243 15.75 20.96 10.69
C LYS B 243 15.76 22.51 10.83
N GLU B 244 16.72 23.16 10.19
CA GLU B 244 16.77 24.63 10.21
C GLU B 244 15.56 25.23 9.53
N PHE B 245 15.14 24.62 8.43
CA PHE B 245 13.95 25.17 7.76
C PHE B 245 12.76 25.12 8.70
N LYS B 246 12.61 24.03 9.44
CA LYS B 246 11.49 23.93 10.31
C LYS B 246 11.65 24.93 11.41
N ASP B 247 12.88 25.08 11.89
CA ASP B 247 13.14 26.07 12.97
C ASP B 247 12.74 27.48 12.46
N LEU B 248 13.02 27.74 11.18
CA LEU B 248 12.67 29.03 10.58
C LEU B 248 11.15 29.19 10.54
N LEU B 249 10.42 28.18 10.07
CA LEU B 249 8.99 28.37 10.07
C LEU B 249 8.44 28.56 11.46
N ASN B 250 8.97 27.83 12.44
CA ASN B 250 8.49 28.03 13.83
C ASN B 250 8.74 29.49 14.29
N SER B 251 9.96 29.94 14.09
CA SER B 251 10.30 31.34 14.41
C SER B 251 9.39 32.36 13.72
N TYR B 252 9.16 32.12 12.44
CA TYR B 252 8.46 33.08 11.65
C TYR B 252 7.00 33.10 12.03
PB ADP C . -11.49 -6.03 9.24
O1B ADP C . -11.31 -6.88 10.49
O2B ADP C . -10.38 -5.12 8.91
O3B ADP C . -12.07 -6.66 8.01
PA ADP C . -12.78 -3.38 9.44
O1A ADP C . -12.72 -3.08 7.96
O2A ADP C . -11.96 -2.59 10.42
O3A ADP C . -12.62 -4.98 9.75
O5' ADP C . -14.31 -3.14 9.82
C5' ADP C . -15.35 -3.90 9.29
C4' ADP C . -16.61 -3.07 9.59
O4' ADP C . -16.90 -3.08 10.98
C3' ADP C . -16.41 -1.65 9.16
O3' ADP C . -17.68 -1.28 8.60
C2' ADP C . -16.26 -0.90 10.47
O2' ADP C . -16.94 0.31 10.32
C1' ADP C . -16.97 -1.72 11.48
N9 ADP C . -16.24 -1.72 12.73
C8 ADP C . -14.91 -1.95 12.87
N7 ADP C . -14.55 -1.91 14.20
C5 ADP C . -15.68 -1.73 14.90
C6 ADP C . -16.02 -1.59 16.32
N6 ADP C . -15.05 -1.68 17.27
N1 ADP C . -17.31 -1.35 16.61
C2 ADP C . -18.26 -1.24 15.65
N3 ADP C . -18.02 -1.39 14.34
C4 ADP C . -16.78 -1.58 13.92
MG MG D . -9.20 -4.95 7.21
I IOD E . -15.15 -21.90 2.41
C1 EDO F . -5.78 -1.25 -9.55
O1 EDO F . -4.68 -1.90 -10.19
C2 EDO F . -5.06 -0.51 -8.45
O2 EDO F . -5.93 -0.24 -7.35
PB ADP G . -3.74 12.22 -8.87
O1B ADP G . -3.56 10.75 -8.49
O2B ADP G . -2.93 12.62 -10.07
O3B ADP G . -3.60 13.15 -7.63
PA ADP G . -6.48 11.48 -9.00
O1A ADP G . -6.53 11.11 -7.56
O2A ADP G . -6.52 10.34 -9.99
O3A ADP G . -5.25 12.46 -9.34
O5' ADP G . -7.71 12.43 -9.42
C5' ADP G . -7.97 13.68 -8.72
C4' ADP G . -9.41 14.10 -8.94
O4' ADP G . -9.63 14.27 -10.34
C3' ADP G . -10.32 13.00 -8.44
O3' ADP G . -11.38 13.59 -7.65
C2' ADP G . -10.75 12.33 -9.73
O2' ADP G . -12.03 11.71 -9.65
C1' ADP G . -10.64 13.40 -10.79
N9 ADP G . -10.07 12.93 -12.07
C8 ADP G . -9.01 12.13 -12.32
N7 ADP G . -8.84 11.93 -13.65
C5 ADP G . -9.82 12.64 -14.26
C6 ADP G . -10.26 12.86 -15.63
N6 ADP G . -9.55 12.29 -16.62
N1 ADP G . -11.35 13.67 -15.85
C2 ADP G . -12.03 14.20 -14.84
N3 ADP G . -11.70 14.00 -13.54
C4 ADP G . -10.62 13.26 -13.22
MG MG H . -2.86 9.85 -6.83
I IOD I . 5.95 25.81 -2.29
C1 EDO J . -2.62 3.87 8.24
O1 EDO J . -3.91 3.57 7.68
C2 EDO J . -2.62 4.31 9.69
O2 EDO J . -3.39 5.55 9.80
C1 EDO K . 20.04 10.87 -24.05
O1 EDO K . 21.02 10.58 -23.05
C2 EDO K . 20.30 12.33 -24.28
O2 EDO K . 20.62 12.79 -22.98
C1 EDO L . 13.34 10.87 -0.26
O1 EDO L . 14.54 10.22 0.12
C2 EDO L . 13.55 12.24 0.29
O2 EDO L . 14.20 12.12 1.58
#